data_4UGX
#
_entry.id   4UGX
#
_cell.length_a   80.593
_cell.length_b   94.927
_cell.length_c   62.847
_cell.angle_alpha   90.00
_cell.angle_beta   90.00
_cell.angle_gamma   90.00
#
_symmetry.space_group_name_H-M   'P 21 21 2'
#
loop_
_entity.id
_entity.type
_entity.pdbx_description
1 polymer 'NITRIC OXIDE SYNTHASE OXYGENASE'
2 non-polymer 'PROTOPORPHYRIN IX CONTAINING FE'
3 non-polymer 5,6,7,8-TETRAHYDROBIOPTERIN
4 non-polymer 'CHLORIDE ION'
5 non-polymer GLYCEROL
6 non-polymer N-[3-({ethyl[2-(3-fluorophenyl)ethyl]amino}methyl)phenyl]thiophene-2-carboximidamide
7 water water
#
_entity_poly.entity_id   1
_entity_poly.type   'polypeptide(L)'
_entity_poly.pdbx_seq_one_letter_code
;MEEKEILWNEAKAFIAACYQELGKAAEVKDRLADIKSEIDLTGSYVHTKEELEHGAKMAWRNSNRCIGRLFWNSLNVIDR
RDVRTKEEVRDALFHHIETATNNGKIRPTITIFPPEEKGEKQVEIWNHQLIRYAGYESDGERIGDPASCSLTAACEELGW
RGERTDFDLLPLIFRMKGDEQPVWYELPRSLVIEVPITHPDIEAFSDLELKWYGVPIISDMKLEVGGIHYNAAPFNGWYM
GTEIGARNLADEKRYDKLKKVASVIGIAADYNTDLWKDQALVELNKAVLHSYKKQGVSIVDHHTAASQFKRFEEQAEEAG
RKLTGDWTWLIPPISPAATHIFHRSYDNSIVKPNYFYQDKPYE
;
_entity_poly.pdbx_strand_id   A
#
# COMPACT_ATOMS: atom_id res chain seq x y z
N GLU A 2 22.28 -15.94 -18.03
CA GLU A 2 20.96 -16.27 -17.49
C GLU A 2 20.13 -15.01 -17.17
N GLU A 3 20.81 -13.92 -16.86
CA GLU A 3 20.16 -12.68 -16.47
C GLU A 3 19.48 -12.00 -17.65
N LYS A 4 20.23 -11.79 -18.73
CA LYS A 4 19.68 -11.22 -19.96
C LYS A 4 18.57 -12.11 -20.49
N GLU A 5 18.71 -13.41 -20.25
CA GLU A 5 17.74 -14.37 -20.72
C GLU A 5 16.43 -14.27 -19.95
N ILE A 6 16.49 -14.19 -18.62
CA ILE A 6 15.28 -13.99 -17.85
C ILE A 6 14.63 -12.67 -18.28
N LEU A 7 15.46 -11.66 -18.54
CA LEU A 7 14.95 -10.33 -18.87
C LEU A 7 14.23 -10.37 -20.20
N TRP A 8 14.88 -10.98 -21.19
CA TRP A 8 14.31 -11.08 -22.53
C TRP A 8 12.99 -11.85 -22.53
N ASN A 9 12.93 -12.93 -21.77
CA ASN A 9 11.73 -13.75 -21.69
C ASN A 9 10.56 -13.01 -21.05
N GLU A 10 10.83 -12.30 -19.97
CA GLU A 10 9.80 -11.53 -19.29
C GLU A 10 9.35 -10.41 -20.20
N ALA A 11 10.30 -9.83 -20.94
CA ALA A 11 10.02 -8.69 -21.84
C ALA A 11 9.06 -9.09 -22.97
N LYS A 12 9.39 -10.19 -23.65
CA LYS A 12 8.55 -10.73 -24.70
C LYS A 12 7.13 -10.96 -24.22
N ALA A 13 6.98 -11.56 -23.04
CA ALA A 13 5.66 -11.90 -22.53
C ALA A 13 4.85 -10.66 -22.19
N PHE A 14 5.51 -9.71 -21.54
CA PHE A 14 4.83 -8.49 -21.11
C PHE A 14 4.39 -7.64 -22.29
N ILE A 15 5.30 -7.43 -23.26
CA ILE A 15 5.01 -6.57 -24.41
C ILE A 15 3.86 -7.10 -25.25
N ALA A 16 3.91 -8.40 -25.57
CA ALA A 16 2.82 -9.07 -26.27
C ALA A 16 1.48 -8.85 -25.56
N ALA A 17 1.44 -9.11 -24.25
CA ALA A 17 0.20 -9.02 -23.51
C ALA A 17 -0.27 -7.58 -23.42
N CYS A 18 0.65 -6.67 -23.11
CA CYS A 18 0.33 -5.26 -22.95
C CYS A 18 -0.18 -4.66 -24.28
N TYR A 19 0.53 -4.92 -25.36
CA TYR A 19 0.17 -4.34 -26.65
C TYR A 19 -1.15 -4.93 -27.17
N GLN A 20 -1.41 -6.18 -26.80
CA GLN A 20 -2.66 -6.84 -27.15
C GLN A 20 -3.81 -6.15 -26.43
N GLU A 21 -3.60 -5.82 -25.16
CA GLU A 21 -4.62 -5.14 -24.39
C GLU A 21 -4.82 -3.72 -24.90
N LEU A 22 -3.74 -3.12 -25.38
CA LEU A 22 -3.82 -1.73 -25.84
C LEU A 22 -4.22 -1.61 -27.32
N GLY A 23 -4.61 -2.73 -27.93
CA GLY A 23 -4.93 -2.75 -29.35
C GLY A 23 -3.76 -2.44 -30.28
N LYS A 24 -2.53 -2.70 -29.82
CA LYS A 24 -1.33 -2.39 -30.60
C LYS A 24 -0.57 -3.65 -31.00
N ALA A 25 -1.28 -4.76 -31.22
CA ALA A 25 -0.66 -6.05 -31.53
C ALA A 25 0.31 -6.01 -32.73
N ALA A 26 0.00 -5.18 -33.73
CA ALA A 26 0.84 -5.11 -34.93
C ALA A 26 2.23 -4.51 -34.67
N GLU A 27 2.37 -3.83 -33.54
CA GLU A 27 3.62 -3.13 -33.22
C GLU A 27 4.56 -3.97 -32.39
N VAL A 28 4.08 -5.12 -31.93
CA VAL A 28 4.85 -6.01 -31.07
C VAL A 28 6.18 -6.48 -31.68
N LYS A 29 6.14 -6.90 -32.94
CA LYS A 29 7.34 -7.46 -33.58
C LYS A 29 8.50 -6.48 -33.63
N ASP A 30 8.24 -5.25 -34.06
CA ASP A 30 9.27 -4.23 -34.20
C ASP A 30 9.73 -3.70 -32.84
N ARG A 31 8.80 -3.62 -31.89
CA ARG A 31 9.15 -3.17 -30.56
C ARG A 31 10.04 -4.22 -29.89
N LEU A 32 9.71 -5.49 -30.08
CA LEU A 32 10.54 -6.55 -29.50
C LEU A 32 11.95 -6.60 -30.12
N ALA A 33 12.08 -6.26 -31.40
CA ALA A 33 13.38 -6.19 -32.05
C ALA A 33 14.22 -5.11 -31.40
N ASP A 34 13.63 -3.91 -31.33
CA ASP A 34 14.23 -2.77 -30.65
C ASP A 34 14.72 -3.18 -29.27
N ILE A 35 13.84 -3.84 -28.52
CA ILE A 35 14.15 -4.29 -27.16
C ILE A 35 15.31 -5.29 -27.14
N LYS A 36 15.27 -6.30 -28.00
CA LYS A 36 16.31 -7.33 -28.01
C LYS A 36 17.70 -6.76 -28.22
N SER A 37 17.82 -5.80 -29.14
CA SER A 37 19.13 -5.22 -29.38
C SER A 37 19.51 -4.26 -28.26
N GLU A 38 18.53 -3.57 -27.68
CA GLU A 38 18.79 -2.69 -26.55
C GLU A 38 19.32 -3.50 -25.37
N ILE A 39 18.76 -4.68 -25.15
CA ILE A 39 19.27 -5.59 -24.12
C ILE A 39 20.69 -6.08 -24.48
N ASP A 40 20.87 -6.48 -25.74
CA ASP A 40 22.18 -6.90 -26.23
C ASP A 40 23.26 -5.86 -25.94
N LEU A 41 22.93 -4.59 -26.21
CA LEU A 41 23.92 -3.51 -26.14
C LEU A 41 24.07 -2.89 -24.75
N THR A 42 22.99 -2.86 -23.97
CA THR A 42 23.02 -2.17 -22.68
C THR A 42 22.77 -3.09 -21.47
N GLY A 43 22.32 -4.30 -21.72
CA GLY A 43 22.00 -5.20 -20.63
C GLY A 43 20.61 -4.98 -20.08
N SER A 44 19.93 -3.94 -20.55
CA SER A 44 18.55 -3.69 -20.12
C SER A 44 17.71 -3.03 -21.22
N TYR A 45 16.52 -2.56 -20.86
CA TYR A 45 15.71 -1.76 -21.78
C TYR A 45 14.84 -0.76 -21.02
N VAL A 46 14.37 0.26 -21.73
CA VAL A 46 13.62 1.33 -21.11
C VAL A 46 12.17 1.26 -21.60
N HIS A 47 11.21 1.26 -20.68
CA HIS A 47 9.81 1.23 -21.06
C HIS A 47 9.39 2.56 -21.65
N THR A 48 8.49 2.52 -22.63
CA THR A 48 7.81 3.72 -23.07
C THR A 48 6.86 4.14 -21.96
N LYS A 49 6.34 5.36 -22.03
CA LYS A 49 5.42 5.86 -21.01
C LYS A 49 4.14 5.01 -20.97
N GLU A 50 3.70 4.60 -22.15
CA GLU A 50 2.50 3.77 -22.25
C GLU A 50 2.70 2.40 -21.59
N GLU A 51 3.85 1.79 -21.82
CA GLU A 51 4.13 0.47 -21.24
C GLU A 51 4.19 0.57 -19.73
N LEU A 52 4.80 1.64 -19.24
CA LEU A 52 5.06 1.79 -17.81
C LEU A 52 3.74 1.97 -17.10
N GLU A 53 2.88 2.81 -17.68
CA GLU A 53 1.58 3.09 -17.11
C GLU A 53 0.69 1.84 -17.13
N HIS A 54 0.57 1.22 -18.29
CA HIS A 54 -0.21 -0.01 -18.35
C HIS A 54 0.36 -1.15 -17.50
N GLY A 55 1.70 -1.27 -17.49
CA GLY A 55 2.38 -2.22 -16.62
C GLY A 55 2.01 -2.08 -15.16
N ALA A 56 1.97 -0.84 -14.66
CA ALA A 56 1.60 -0.61 -13.26
C ALA A 56 0.15 -0.99 -12.95
N LYS A 57 -0.71 -0.73 -13.94
CA LYS A 57 -2.13 -1.08 -13.82
C LYS A 57 -2.31 -2.60 -13.84
N MET A 58 -1.60 -3.28 -14.75
CA MET A 58 -1.67 -4.75 -14.77
C MET A 58 -1.18 -5.35 -13.46
N ALA A 59 -0.15 -4.74 -12.90
CA ALA A 59 0.46 -5.24 -11.69
C ALA A 59 -0.57 -5.17 -10.56
N TRP A 60 -1.35 -4.09 -10.53
CA TRP A 60 -2.39 -3.95 -9.52
C TRP A 60 -3.47 -5.02 -9.77
N ARG A 61 -3.86 -5.16 -11.03
CA ARG A 61 -4.87 -6.13 -11.41
C ARG A 61 -4.51 -7.57 -11.02
N ASN A 62 -3.22 -7.85 -10.92
CA ASN A 62 -2.73 -9.20 -10.67
C ASN A 62 -2.40 -9.40 -9.19
N SER A 63 -2.64 -8.38 -8.35
CA SER A 63 -2.34 -8.50 -6.92
C SER A 63 -3.40 -9.37 -6.22
N ASN A 64 -3.05 -10.63 -6.03
CA ASN A 64 -3.96 -11.65 -5.52
C ASN A 64 -4.61 -11.28 -4.20
N ARG A 65 -3.90 -10.52 -3.38
CA ARG A 65 -4.40 -10.24 -2.04
C ARG A 65 -5.30 -9.01 -1.97
N CYS A 66 -5.46 -8.32 -3.10
CA CYS A 66 -6.13 -7.01 -3.06
C CYS A 66 -7.62 -7.09 -3.41
N ILE A 67 -8.49 -6.68 -2.47
CA ILE A 67 -9.93 -6.67 -2.68
C ILE A 67 -10.37 -5.47 -3.52
N GLY A 68 -9.48 -4.48 -3.70
CA GLY A 68 -9.91 -3.23 -4.33
C GLY A 68 -9.64 -3.13 -5.82
N ARG A 69 -9.38 -4.27 -6.43
CA ARG A 69 -8.90 -4.29 -7.81
C ARG A 69 -9.90 -3.89 -8.91
N LEU A 70 -11.19 -3.75 -8.61
CA LEU A 70 -12.15 -3.32 -9.65
C LEU A 70 -11.62 -2.07 -10.38
N PHE A 71 -10.96 -1.20 -9.63
CA PHE A 71 -10.57 0.11 -10.14
C PHE A 71 -9.18 0.19 -10.75
N TRP A 72 -8.61 -0.98 -11.09
CA TRP A 72 -7.22 -1.09 -11.56
C TRP A 72 -6.91 -0.17 -12.76
N ASN A 73 -7.88 0.00 -13.65
CA ASN A 73 -7.65 0.76 -14.87
C ASN A 73 -7.66 2.28 -14.67
N SER A 74 -8.00 2.73 -13.47
CA SER A 74 -7.98 4.18 -13.24
C SER A 74 -6.79 4.65 -12.40
N LEU A 75 -5.84 3.75 -12.17
CA LEU A 75 -4.61 4.12 -11.47
C LEU A 75 -3.94 5.34 -12.12
N ASN A 76 -3.56 6.34 -11.32
CA ASN A 76 -2.82 7.52 -11.78
C ASN A 76 -1.31 7.24 -11.67
N VAL A 77 -0.63 7.16 -12.80
CA VAL A 77 0.77 6.76 -12.80
C VAL A 77 1.64 7.99 -13.01
N ILE A 78 2.50 8.29 -12.06
CA ILE A 78 3.43 9.43 -12.20
C ILE A 78 4.83 8.89 -12.49
N ASP A 79 5.37 9.26 -13.64
CA ASP A 79 6.67 8.80 -14.11
C ASP A 79 7.81 9.68 -13.60
N ARG A 80 8.52 9.21 -12.57
CA ARG A 80 9.66 9.96 -12.05
C ARG A 80 11.01 9.22 -12.25
N ARG A 81 11.15 8.57 -13.42
CA ARG A 81 12.39 7.90 -13.77
C ARG A 81 13.51 8.90 -14.06
N ASP A 82 13.15 10.18 -14.10
CA ASP A 82 14.12 11.24 -14.35
C ASP A 82 14.86 11.69 -13.09
N VAL A 83 14.45 11.29 -11.89
CA VAL A 83 15.10 11.85 -10.69
C VAL A 83 16.54 11.36 -10.51
N ARG A 84 17.40 12.26 -10.03
CA ARG A 84 18.82 11.95 -9.82
C ARG A 84 19.32 12.37 -8.45
N THR A 85 18.54 13.21 -7.76
CA THR A 85 19.03 13.79 -6.52
C THR A 85 18.09 13.55 -5.36
N LYS A 86 18.62 13.64 -4.15
CA LYS A 86 17.77 13.32 -3.00
C LYS A 86 16.68 14.39 -2.81
N GLU A 87 16.98 15.64 -3.16
CA GLU A 87 15.96 16.68 -3.09
C GLU A 87 14.81 16.37 -4.04
N GLU A 88 15.16 15.90 -5.25
CA GLU A 88 14.16 15.51 -6.23
C GLU A 88 13.30 14.35 -5.74
N VAL A 89 13.92 13.38 -5.07
CA VAL A 89 13.14 12.27 -4.54
C VAL A 89 12.18 12.74 -3.45
N ARG A 90 12.71 13.51 -2.51
CA ARG A 90 11.91 14.11 -1.45
C ARG A 90 10.72 14.87 -2.04
N ASP A 91 10.99 15.78 -2.98
CA ASP A 91 9.92 16.58 -3.54
C ASP A 91 8.88 15.71 -4.29
N ALA A 92 9.32 14.65 -4.95
CA ALA A 92 8.39 13.70 -5.60
C ALA A 92 7.53 12.93 -4.58
N LEU A 93 8.10 12.59 -3.43
CA LEU A 93 7.31 11.92 -2.41
C LEU A 93 6.31 12.89 -1.77
N PHE A 94 6.75 14.11 -1.50
CA PHE A 94 5.85 15.15 -0.99
C PHE A 94 4.71 15.39 -1.95
N HIS A 95 5.03 15.52 -3.23
CA HIS A 95 4.02 15.68 -4.27
C HIS A 95 3.02 14.51 -4.35
N HIS A 96 3.53 13.29 -4.32
CA HIS A 96 2.65 12.14 -4.29
C HIS A 96 1.64 12.24 -3.16
N ILE A 97 2.10 12.53 -1.94
CA ILE A 97 1.19 12.70 -0.83
C ILE A 97 0.11 13.74 -1.11
N GLU A 98 0.51 14.91 -1.63
CA GLU A 98 -0.44 16.00 -1.87
C GLU A 98 -1.46 15.61 -2.97
N THR A 99 -0.98 15.06 -4.07
CA THR A 99 -1.89 14.82 -5.18
C THR A 99 -2.75 13.58 -4.95
N ALA A 100 -2.21 12.59 -4.24
CA ALA A 100 -2.98 11.41 -3.91
C ALA A 100 -4.07 11.77 -2.92
N THR A 101 -3.72 12.64 -1.97
CA THR A 101 -4.65 13.02 -0.88
C THR A 101 -5.83 13.82 -1.44
N ASN A 102 -5.51 14.78 -2.30
CA ASN A 102 -6.52 15.53 -3.05
C ASN A 102 -7.60 16.08 -2.13
N ASN A 103 -7.21 16.68 -0.99
CA ASN A 103 -8.20 17.27 -0.09
C ASN A 103 -9.19 16.29 0.52
N GLY A 104 -8.86 15.02 0.50
CA GLY A 104 -9.69 14.00 1.14
C GLY A 104 -10.29 13.05 0.11
N LYS A 105 -10.49 13.53 -1.12
CA LYS A 105 -11.05 12.67 -2.18
C LYS A 105 -9.89 11.90 -2.81
N ILE A 106 -9.49 10.81 -2.17
CA ILE A 106 -8.24 10.12 -2.48
C ILE A 106 -8.18 9.60 -3.93
N ARG A 107 -7.05 9.87 -4.61
CA ARG A 107 -6.79 9.35 -5.96
C ARG A 107 -5.77 8.25 -5.89
N PRO A 108 -6.14 7.04 -6.35
CA PRO A 108 -5.17 5.94 -6.42
C PRO A 108 -4.04 6.35 -7.33
N THR A 109 -2.81 6.40 -6.80
CA THR A 109 -1.66 6.96 -7.51
C THR A 109 -0.42 6.09 -7.27
N ILE A 110 0.46 6.03 -8.26
CA ILE A 110 1.77 5.44 -8.02
C ILE A 110 2.82 6.36 -8.63
N THR A 111 3.92 6.57 -7.91
CA THR A 111 5.05 7.34 -8.44
C THR A 111 6.16 6.34 -8.68
N ILE A 112 6.71 6.32 -9.88
CA ILE A 112 7.68 5.30 -10.25
C ILE A 112 9.06 5.92 -10.42
N PHE A 113 10.02 5.45 -9.63
CA PHE A 113 11.37 6.02 -9.63
C PHE A 113 12.26 5.16 -10.55
N PRO A 114 13.52 5.59 -10.82
CA PRO A 114 14.36 4.73 -11.66
C PRO A 114 14.44 3.29 -11.11
N PRO A 115 14.50 2.30 -12.01
CA PRO A 115 14.53 0.89 -11.63
C PRO A 115 15.95 0.44 -11.28
N GLU A 116 16.06 -0.73 -10.63
CA GLU A 116 17.37 -1.34 -10.39
C GLU A 116 18.09 -1.53 -11.70
N GLU A 117 19.42 -1.48 -11.67
CA GLU A 117 20.22 -1.73 -12.85
C GLU A 117 20.92 -3.09 -12.78
N LYS A 118 21.99 -3.15 -11.99
CA LYS A 118 22.71 -4.41 -11.86
C LYS A 118 22.06 -5.24 -10.76
N GLY A 119 20.76 -5.02 -10.54
CA GLY A 119 20.16 -5.36 -9.26
C GLY A 119 20.60 -4.30 -8.25
N GLU A 120 21.31 -3.29 -8.75
CA GLU A 120 21.73 -2.14 -7.97
C GLU A 120 20.63 -1.09 -7.92
N LYS A 121 20.15 -0.81 -6.72
CA LYS A 121 19.11 0.20 -6.53
C LYS A 121 19.61 1.63 -6.80
N GLN A 122 18.74 2.44 -7.38
CA GLN A 122 19.08 3.84 -7.64
C GLN A 122 18.59 4.67 -6.45
N VAL A 123 17.44 4.26 -5.93
CA VAL A 123 16.78 4.92 -4.82
C VAL A 123 16.25 3.81 -3.95
N GLU A 124 16.53 3.86 -2.66
CA GLU A 124 16.10 2.81 -1.75
C GLU A 124 15.25 3.42 -0.63
N ILE A 125 13.94 3.18 -0.65
CA ILE A 125 13.04 3.82 0.30
C ILE A 125 12.94 2.94 1.54
N TRP A 126 13.20 3.50 2.72
CA TRP A 126 13.16 2.69 3.95
C TRP A 126 11.79 2.57 4.59
N ASN A 127 10.93 3.57 4.39
CA ASN A 127 9.59 3.56 4.97
C ASN A 127 8.75 2.40 4.46
N HIS A 128 7.91 1.86 5.33
CA HIS A 128 6.93 0.85 4.92
C HIS A 128 5.79 1.59 4.21
N GLN A 129 5.31 2.68 4.82
CA GLN A 129 4.38 3.60 4.14
C GLN A 129 4.91 5.00 4.27
N LEU A 130 4.59 5.88 3.31
CA LEU A 130 5.12 7.24 3.38
C LEU A 130 4.60 7.95 4.64
N ILE A 131 3.35 7.69 5.01
CA ILE A 131 2.80 8.20 6.27
C ILE A 131 2.54 7.02 7.21
N ARG A 132 3.25 6.99 8.34
N ARG A 132 3.20 7.01 8.37
CA ARG A 132 3.03 5.96 9.34
CA ARG A 132 3.17 5.87 9.29
C ARG A 132 3.47 6.48 10.70
C ARG A 132 3.65 6.33 10.69
N TYR A 133 3.04 5.81 11.76
CA TYR A 133 3.38 6.25 13.11
C TYR A 133 4.54 5.47 13.69
N ALA A 134 5.35 6.16 14.50
CA ALA A 134 6.50 5.58 15.16
C ALA A 134 6.06 4.63 16.27
N GLY A 135 6.98 3.77 16.68
CA GLY A 135 6.71 2.87 17.79
C GLY A 135 7.92 2.76 18.68
N TYR A 136 7.70 2.65 19.99
CA TYR A 136 8.81 2.63 20.94
C TYR A 136 8.55 1.58 22.01
N GLU A 137 9.63 1.09 22.59
CA GLU A 137 9.55 0.19 23.73
C GLU A 137 10.62 0.64 24.72
N SER A 138 10.19 1.02 25.93
CA SER A 138 11.12 1.33 27.01
C SER A 138 10.49 1.00 28.36
N ASP A 139 11.29 0.47 29.28
CA ASP A 139 10.80 0.04 30.58
C ASP A 139 9.70 -1.00 30.40
N GLY A 140 9.80 -1.80 29.35
CA GLY A 140 8.73 -2.70 28.98
C GLY A 140 7.44 -1.97 28.64
N GLU A 141 7.49 -0.64 28.61
CA GLU A 141 6.34 0.18 28.27
C GLU A 141 6.30 0.55 26.78
N ARG A 142 5.17 0.28 26.13
CA ARG A 142 5.02 0.49 24.70
C ARG A 142 4.31 1.78 24.35
N ILE A 143 4.85 2.49 23.36
CA ILE A 143 4.29 3.73 22.91
C ILE A 143 4.15 3.65 21.41
N GLY A 144 3.02 4.10 20.88
CA GLY A 144 2.84 4.15 19.44
C GLY A 144 2.62 2.79 18.78
N ASP A 145 3.09 2.67 17.55
CA ASP A 145 2.79 1.50 16.72
C ASP A 145 3.92 0.46 16.77
N PRO A 146 3.70 -0.68 17.44
CA PRO A 146 4.81 -1.65 17.56
C PRO A 146 5.34 -2.12 16.20
N ALA A 147 4.51 -2.09 15.16
CA ALA A 147 4.94 -2.53 13.84
C ALA A 147 6.02 -1.60 13.30
N SER A 148 6.16 -0.43 13.91
CA SER A 148 7.18 0.56 13.50
C SER A 148 8.42 0.59 14.35
N CYS A 149 8.51 -0.31 15.33
CA CYS A 149 9.60 -0.28 16.29
C CYS A 149 11.00 -0.33 15.67
N SER A 150 11.21 -1.22 14.71
CA SER A 150 12.58 -1.37 14.23
C SER A 150 12.98 -0.21 13.32
N LEU A 151 12.04 0.28 12.50
CA LEU A 151 12.36 1.44 11.64
C LEU A 151 12.54 2.71 12.48
N THR A 152 11.69 2.88 13.50
CA THR A 152 11.82 3.99 14.44
C THR A 152 13.19 3.99 15.09
N ALA A 153 13.63 2.82 15.57
CA ALA A 153 14.97 2.70 16.15
C ALA A 153 16.06 3.07 15.14
N ALA A 154 15.89 2.64 13.90
CA ALA A 154 16.88 2.98 12.85
C ALA A 154 16.88 4.47 12.54
N CYS A 155 15.71 5.12 12.49
CA CYS A 155 15.70 6.58 12.32
C CYS A 155 16.38 7.29 13.47
N GLU A 156 16.15 6.81 14.70
CA GLU A 156 16.79 7.50 15.83
C GLU A 156 18.27 7.29 15.88
N GLU A 157 18.76 6.33 15.09
CA GLU A 157 20.18 6.09 14.93
C GLU A 157 20.78 7.17 14.03
N LEU A 158 19.94 7.76 13.19
CA LEU A 158 20.36 8.72 12.18
C LEU A 158 20.18 10.16 12.61
N GLY A 159 19.91 10.37 13.90
CA GLY A 159 19.78 11.71 14.43
C GLY A 159 18.35 12.25 14.48
N TRP A 160 17.38 11.49 14.01
CA TRP A 160 15.98 11.86 14.24
C TRP A 160 15.64 11.53 15.71
N ARG A 161 14.69 12.28 16.28
CA ARG A 161 14.16 11.99 17.62
C ARG A 161 12.64 12.20 17.62
N GLY A 162 11.92 11.18 18.04
CA GLY A 162 10.47 11.24 18.10
C GLY A 162 10.03 11.83 19.43
N GLU A 163 8.84 12.43 19.43
CA GLU A 163 8.29 13.06 20.62
C GLU A 163 7.75 12.02 21.61
N ARG A 164 7.62 10.78 21.14
CA ARG A 164 7.06 9.68 21.94
C ARG A 164 5.61 9.92 22.37
N THR A 165 4.81 10.49 21.47
CA THR A 165 3.38 10.37 21.56
C THR A 165 3.03 9.00 20.91
N ASP A 166 1.76 8.64 20.96
CA ASP A 166 1.34 7.39 20.34
C ASP A 166 1.17 7.52 18.84
N PHE A 167 1.32 8.75 18.33
CA PHE A 167 1.08 9.02 16.93
C PHE A 167 2.15 9.97 16.34
N ASP A 168 3.44 9.69 16.58
CA ASP A 168 4.52 10.48 15.99
C ASP A 168 4.60 10.09 14.53
N LEU A 169 4.61 11.06 13.62
CA LEU A 169 4.80 10.73 12.22
C LEU A 169 6.28 10.48 12.00
N LEU A 170 6.61 9.34 11.39
CA LEU A 170 7.99 9.05 11.02
C LEU A 170 8.38 10.00 9.89
N PRO A 171 9.67 10.35 9.80
CA PRO A 171 10.15 11.15 8.69
C PRO A 171 10.21 10.24 7.47
N LEU A 172 10.29 10.82 6.28
CA LEU A 172 10.64 10.06 5.09
C LEU A 172 12.08 9.68 5.27
N ILE A 173 12.40 8.44 4.92
CA ILE A 173 13.77 8.03 5.01
C ILE A 173 14.14 7.17 3.81
N PHE A 174 15.19 7.56 3.09
CA PHE A 174 15.60 6.84 1.90
C PHE A 174 17.07 7.04 1.61
N ARG A 175 17.65 6.07 0.90
CA ARG A 175 19.06 6.14 0.53
C ARG A 175 19.25 6.24 -0.98
N MET A 176 20.21 7.05 -1.41
CA MET A 176 20.56 7.19 -2.82
C MET A 176 21.72 6.26 -3.16
N LYS A 177 21.74 5.77 -4.40
CA LYS A 177 22.88 4.99 -4.88
C LYS A 177 24.15 5.79 -4.66
N GLY A 178 25.17 5.20 -4.05
CA GLY A 178 26.44 5.87 -3.86
C GLY A 178 26.58 6.50 -2.49
N ASP A 179 25.48 6.56 -1.75
CA ASP A 179 25.51 7.05 -0.40
C ASP A 179 25.52 5.86 0.56
N GLU A 180 26.24 6.00 1.65
CA GLU A 180 26.33 4.93 2.63
C GLU A 180 25.15 4.91 3.60
N GLN A 181 24.58 6.08 3.87
CA GLN A 181 23.46 6.19 4.82
C GLN A 181 22.24 6.81 4.16
N PRO A 182 21.04 6.44 4.61
CA PRO A 182 19.86 7.14 4.10
C PRO A 182 19.82 8.57 4.68
N VAL A 183 19.06 9.45 4.04
CA VAL A 183 18.78 10.75 4.64
C VAL A 183 17.36 10.68 5.16
N TRP A 184 16.98 11.61 6.01
CA TRP A 184 15.60 11.65 6.46
C TRP A 184 15.04 13.08 6.43
N TYR A 185 13.74 13.20 6.17
CA TYR A 185 13.09 14.50 6.09
C TYR A 185 11.76 14.43 6.82
N GLU A 186 11.57 15.32 7.78
CA GLU A 186 10.33 15.41 8.53
C GLU A 186 9.19 15.73 7.53
N LEU A 187 8.01 15.12 7.70
CA LEU A 187 6.86 15.43 6.85
C LEU A 187 6.24 16.78 7.21
N PRO A 188 6.00 17.64 6.21
CA PRO A 188 5.24 18.87 6.55
C PRO A 188 3.82 18.48 7.03
N ARG A 189 3.41 18.94 8.20
CA ARG A 189 2.12 18.53 8.73
C ARG A 189 0.95 18.97 7.83
N SER A 190 1.09 20.09 7.10
CA SER A 190 0.04 20.55 6.17
C SER A 190 -0.28 19.55 5.05
N LEU A 191 0.60 18.60 4.81
CA LEU A 191 0.39 17.59 3.78
C LEU A 191 -0.34 16.35 4.30
N VAL A 192 -0.38 16.19 5.61
CA VAL A 192 -0.86 14.92 6.20
C VAL A 192 -2.24 15.07 6.77
N ILE A 193 -3.25 14.45 6.15
CA ILE A 193 -4.57 14.48 6.72
C ILE A 193 -4.67 13.37 7.77
N GLU A 194 -5.20 13.71 8.92
CA GLU A 194 -5.47 12.69 9.94
C GLU A 194 -6.94 12.79 10.32
N VAL A 195 -7.51 11.67 10.75
CA VAL A 195 -8.91 11.63 11.13
C VAL A 195 -9.06 11.28 12.62
N PRO A 196 -9.66 12.17 13.43
CA PRO A 196 -9.97 11.75 14.80
C PRO A 196 -11.11 10.72 14.84
N ILE A 197 -11.00 9.69 15.67
CA ILE A 197 -12.03 8.65 15.67
C ILE A 197 -13.07 9.00 16.70
N THR A 198 -14.29 9.24 16.22
CA THR A 198 -15.46 9.43 17.08
C THR A 198 -16.52 8.43 16.66
N HIS A 199 -17.55 8.25 17.49
CA HIS A 199 -18.60 7.27 17.21
C HIS A 199 -19.90 8.01 16.90
N PRO A 200 -20.71 7.49 15.95
CA PRO A 200 -21.92 8.25 15.62
C PRO A 200 -22.92 8.44 16.78
N ASP A 201 -22.91 7.57 17.81
CA ASP A 201 -23.95 7.58 18.85
C ASP A 201 -23.38 7.63 20.27
N ILE A 202 -22.13 7.24 20.43
CA ILE A 202 -21.55 7.12 21.76
C ILE A 202 -20.53 8.21 21.96
N GLU A 203 -20.92 9.19 22.74
CA GLU A 203 -20.15 10.41 22.90
C GLU A 203 -18.81 10.14 23.57
N ALA A 204 -18.79 9.17 24.47
CA ALA A 204 -17.60 8.89 25.25
C ALA A 204 -16.46 8.34 24.39
N PHE A 205 -16.78 7.91 23.18
CA PHE A 205 -15.79 7.28 22.34
C PHE A 205 -14.58 8.19 22.12
N SER A 206 -14.79 9.50 22.12
CA SER A 206 -13.67 10.42 21.90
C SER A 206 -12.70 10.44 23.07
N ASP A 207 -13.14 9.95 24.23
CA ASP A 207 -12.25 9.84 25.39
C ASP A 207 -11.02 8.97 25.09
N LEU A 208 -11.13 8.08 24.10
CA LEU A 208 -10.02 7.20 23.77
C LEU A 208 -8.93 7.93 23.00
N GLU A 209 -9.27 9.11 22.47
CA GLU A 209 -8.31 9.95 21.71
C GLU A 209 -7.61 9.18 20.60
N LEU A 210 -8.36 8.37 19.87
CA LEU A 210 -7.81 7.61 18.77
C LEU A 210 -7.84 8.48 17.52
N LYS A 211 -6.90 8.25 16.62
CA LYS A 211 -6.94 8.83 15.28
C LYS A 211 -6.17 7.91 14.35
N TRP A 212 -6.30 8.12 13.04
CA TRP A 212 -5.47 7.40 12.08
C TRP A 212 -5.21 8.36 10.92
N TYR A 213 -4.24 8.03 10.05
CA TYR A 213 -3.95 8.93 8.92
C TYR A 213 -4.85 8.59 7.73
N GLY A 214 -5.03 9.55 6.83
CA GLY A 214 -6.03 9.38 5.78
C GLY A 214 -5.62 8.44 4.68
N VAL A 215 -4.35 8.46 4.32
CA VAL A 215 -3.93 7.86 3.08
C VAL A 215 -2.81 6.88 3.29
N PRO A 216 -3.05 5.58 3.04
CA PRO A 216 -2.01 4.56 3.15
C PRO A 216 -1.21 4.49 1.85
N ILE A 217 0.09 4.73 1.93
CA ILE A 217 0.91 4.81 0.73
C ILE A 217 2.08 3.87 0.89
N ILE A 218 1.94 2.67 0.34
CA ILE A 218 2.92 1.57 0.51
C ILE A 218 4.17 1.91 -0.29
N SER A 219 5.32 1.95 0.38
CA SER A 219 6.51 2.44 -0.25
C SER A 219 7.67 1.48 -0.16
N ASP A 220 7.41 0.21 0.16
CA ASP A 220 8.50 -0.77 0.30
C ASP A 220 8.33 -2.03 -0.57
N MET A 221 7.42 -2.01 -1.55
CA MET A 221 7.27 -3.15 -2.44
C MET A 221 7.90 -2.87 -3.80
N LYS A 222 8.34 -3.93 -4.46
CA LYS A 222 8.94 -3.83 -5.77
C LYS A 222 7.87 -4.03 -6.85
N LEU A 223 7.77 -3.09 -7.77
CA LEU A 223 6.92 -3.27 -8.96
C LEU A 223 7.76 -3.94 -10.02
N GLU A 224 7.27 -5.06 -10.55
CA GLU A 224 7.99 -5.74 -11.61
C GLU A 224 7.16 -5.74 -12.88
N VAL A 225 7.75 -5.25 -13.97
CA VAL A 225 7.05 -5.10 -15.23
C VAL A 225 7.99 -5.49 -16.37
N GLY A 226 7.65 -6.56 -17.09
CA GLY A 226 8.48 -7.04 -18.19
C GLY A 226 9.95 -7.22 -17.85
N GLY A 227 10.24 -7.70 -16.64
CA GLY A 227 11.62 -8.00 -16.29
C GLY A 227 12.40 -6.85 -15.68
N ILE A 228 11.77 -5.67 -15.61
CA ILE A 228 12.40 -4.49 -15.02
C ILE A 228 11.92 -4.38 -13.56
N HIS A 229 12.87 -4.15 -12.67
CA HIS A 229 12.58 -4.17 -11.23
C HIS A 229 12.56 -2.77 -10.66
N TYR A 230 11.37 -2.23 -10.50
CA TYR A 230 11.19 -0.91 -9.92
C TYR A 230 11.00 -1.07 -8.43
N ASN A 231 12.11 -1.10 -7.69
CA ASN A 231 12.06 -1.38 -6.26
C ASN A 231 11.50 -0.19 -5.50
N ALA A 232 11.56 0.99 -6.14
CA ALA A 232 11.06 2.23 -5.55
C ALA A 232 9.89 2.75 -6.39
N ALA A 233 8.69 2.45 -5.93
CA ALA A 233 7.47 2.80 -6.67
C ALA A 233 6.29 2.86 -5.71
N PRO A 234 6.26 3.88 -4.83
CA PRO A 234 5.18 3.96 -3.84
C PRO A 234 3.80 4.10 -4.46
N PHE A 235 2.79 3.46 -3.86
CA PHE A 235 1.43 3.50 -4.39
C PHE A 235 0.41 3.58 -3.26
N ASN A 236 -0.75 4.16 -3.56
CA ASN A 236 -1.83 4.27 -2.59
C ASN A 236 -3.20 4.01 -3.21
N GLY A 237 -4.12 3.55 -2.38
CA GLY A 237 -5.54 3.56 -2.67
C GLY A 237 -6.10 4.33 -1.50
N TRP A 238 -7.37 4.03 -1.16
CA TRP A 238 -7.94 4.46 0.10
C TRP A 238 -8.06 3.22 0.99
N TYR A 239 -8.36 3.45 2.27
CA TYR A 239 -8.47 2.35 3.22
C TYR A 239 -9.79 1.61 3.08
N MET A 240 -9.77 0.32 3.35
CA MET A 240 -10.99 -0.38 3.72
C MET A 240 -11.05 -0.29 5.26
N GLY A 241 -12.22 0.03 5.81
CA GLY A 241 -12.29 0.42 7.22
C GLY A 241 -11.79 -0.64 8.18
N THR A 242 -12.02 -1.92 7.86
CA THR A 242 -11.50 -2.99 8.73
C THR A 242 -9.97 -2.96 8.91
N GLU A 243 -9.22 -2.44 7.93
CA GLU A 243 -7.77 -2.43 8.10
C GLU A 243 -7.38 -1.63 9.33
N ILE A 244 -8.16 -0.59 9.61
CA ILE A 244 -7.90 0.28 10.73
C ILE A 244 -8.60 -0.23 11.99
N GLY A 245 -9.90 -0.51 11.85
CA GLY A 245 -10.74 -0.80 13.01
C GLY A 245 -10.56 -2.22 13.54
N ALA A 246 -10.25 -3.16 12.65
CA ALA A 246 -10.14 -4.57 13.05
C ALA A 246 -8.72 -5.06 13.19
N ARG A 247 -7.74 -4.29 12.71
CA ARG A 247 -6.37 -4.76 12.77
C ARG A 247 -5.42 -3.70 13.41
N ASN A 248 -5.23 -2.56 12.74
CA ASN A 248 -4.27 -1.56 13.25
C ASN A 248 -4.59 -1.11 14.67
N LEU A 249 -5.85 -0.85 14.95
CA LEU A 249 -6.24 -0.39 16.28
C LEU A 249 -6.61 -1.52 17.25
N ALA A 250 -6.87 -2.71 16.71
CA ALA A 250 -7.40 -3.87 17.48
C ALA A 250 -6.42 -4.95 17.85
N ASP A 251 -5.47 -5.24 16.96
CA ASP A 251 -4.56 -6.36 17.22
C ASP A 251 -3.82 -6.17 18.54
N GLU A 252 -3.59 -7.26 19.26
CA GLU A 252 -2.82 -7.16 20.50
C GLU A 252 -1.40 -6.70 20.26
N LYS A 253 -0.82 -7.06 19.12
CA LYS A 253 0.53 -6.65 18.79
C LYS A 253 0.58 -5.29 18.06
N ARG A 254 -0.57 -4.62 17.96
CA ARG A 254 -0.60 -3.24 17.44
C ARG A 254 -1.11 -2.29 18.53
N TYR A 255 -2.18 -1.53 18.29
CA TYR A 255 -2.61 -0.57 19.30
C TYR A 255 -3.43 -1.20 20.42
N ASP A 256 -3.94 -2.42 20.17
CA ASP A 256 -4.53 -3.23 21.24
C ASP A 256 -5.63 -2.48 22.02
N LYS A 257 -6.60 -1.90 21.32
CA LYS A 257 -7.59 -1.03 21.97
C LYS A 257 -8.93 -1.68 22.39
N LEU A 258 -9.11 -2.98 22.18
CA LEU A 258 -10.48 -3.51 22.37
C LEU A 258 -11.01 -3.40 23.82
N LYS A 259 -10.15 -3.63 24.80
CA LYS A 259 -10.60 -3.51 26.20
C LYS A 259 -11.04 -2.08 26.50
N LYS A 260 -10.29 -1.10 26.00
CA LYS A 260 -10.66 0.29 26.18
C LYS A 260 -11.94 0.64 25.43
N VAL A 261 -12.11 0.05 24.27
CA VAL A 261 -13.34 0.25 23.50
C VAL A 261 -14.55 -0.30 24.28
N ALA A 262 -14.41 -1.52 24.80
CA ALA A 262 -15.48 -2.14 25.58
C ALA A 262 -15.88 -1.24 26.74
N SER A 263 -14.87 -0.64 27.37
CA SER A 263 -15.14 0.18 28.52
C SER A 263 -15.95 1.43 28.14
N VAL A 264 -15.56 2.13 27.09
CA VAL A 264 -16.29 3.35 26.73
C VAL A 264 -17.65 3.07 26.10
N ILE A 265 -17.85 1.88 25.54
CA ILE A 265 -19.19 1.57 25.01
C ILE A 265 -20.09 0.96 26.07
N GLY A 266 -19.54 0.75 27.27
CA GLY A 266 -20.35 0.36 28.40
C GLY A 266 -20.58 -1.12 28.55
N ILE A 267 -19.75 -1.97 27.97
CA ILE A 267 -19.92 -3.40 28.22
C ILE A 267 -18.77 -4.02 29.03
N ALA A 268 -19.09 -5.09 29.75
CA ALA A 268 -18.12 -5.84 30.53
C ALA A 268 -17.14 -6.53 29.58
N ALA A 269 -15.87 -6.59 29.94
CA ALA A 269 -14.90 -7.34 29.12
C ALA A 269 -14.39 -8.53 29.90
N ASP A 270 -15.30 -9.28 30.49
CA ASP A 270 -14.94 -10.32 31.46
C ASP A 270 -15.11 -11.76 30.96
N TYR A 271 -16.10 -11.98 30.09
CA TYR A 271 -16.49 -13.36 29.73
C TYR A 271 -16.46 -13.58 28.21
N ASN A 272 -15.78 -14.63 27.76
CA ASN A 272 -15.71 -14.91 26.31
C ASN A 272 -17.11 -15.03 25.73
N THR A 273 -18.02 -15.64 26.49
CA THR A 273 -19.36 -15.90 25.99
C THR A 273 -20.22 -14.66 25.83
N ASP A 274 -19.79 -13.51 26.37
CA ASP A 274 -20.50 -12.26 26.13
C ASP A 274 -20.17 -11.68 24.74
N LEU A 275 -19.20 -12.30 24.06
CA LEU A 275 -18.70 -11.79 22.78
C LEU A 275 -18.36 -10.31 22.84
N TRP A 276 -17.74 -9.90 23.95
CA TRP A 276 -17.41 -8.50 24.09
C TRP A 276 -16.37 -8.05 23.08
N LYS A 277 -15.45 -8.92 22.71
CA LYS A 277 -14.48 -8.50 21.68
C LYS A 277 -15.15 -8.27 20.36
N ASP A 278 -16.08 -9.16 20.02
CA ASP A 278 -16.79 -9.01 18.73
C ASP A 278 -17.59 -7.71 18.69
N GLN A 279 -18.26 -7.42 19.80
CA GLN A 279 -19.10 -6.24 19.90
C GLN A 279 -18.24 -4.97 19.86
N ALA A 280 -17.14 -5.00 20.60
CA ALA A 280 -16.19 -3.87 20.60
C ALA A 280 -15.65 -3.66 19.18
N LEU A 281 -15.30 -4.76 18.51
CA LEU A 281 -14.84 -4.67 17.11
C LEU A 281 -15.84 -4.01 16.19
N VAL A 282 -17.11 -4.39 16.32
CA VAL A 282 -18.11 -3.78 15.45
C VAL A 282 -18.27 -2.28 15.75
N GLU A 283 -18.35 -1.90 17.02
CA GLU A 283 -18.47 -0.46 17.32
C GLU A 283 -17.23 0.33 16.90
N LEU A 284 -16.05 -0.24 17.12
CA LEU A 284 -14.82 0.47 16.65
C LEU A 284 -14.81 0.65 15.13
N ASN A 285 -15.25 -0.38 14.42
CA ASN A 285 -15.29 -0.29 12.96
C ASN A 285 -16.37 0.64 12.45
N LYS A 286 -17.46 0.76 13.21
CA LYS A 286 -18.50 1.70 12.81
C LYS A 286 -17.93 3.11 13.00
N ALA A 287 -17.15 3.30 14.06
CA ALA A 287 -16.62 4.63 14.38
C ALA A 287 -15.62 5.08 13.34
N VAL A 288 -14.76 4.14 12.92
CA VAL A 288 -13.80 4.45 11.88
C VAL A 288 -14.48 4.93 10.58
N LEU A 289 -15.48 4.19 10.12
CA LEU A 289 -16.19 4.57 8.87
C LEU A 289 -16.88 5.89 9.04
N HIS A 290 -17.61 6.02 10.15
CA HIS A 290 -18.27 7.30 10.45
C HIS A 290 -17.27 8.47 10.44
N SER A 291 -16.12 8.28 11.07
CA SER A 291 -15.17 9.37 11.24
C SER A 291 -14.55 9.84 9.93
N TYR A 292 -14.14 8.88 9.08
CA TYR A 292 -13.64 9.23 7.75
C TYR A 292 -14.69 9.93 6.89
N LYS A 293 -15.92 9.42 6.91
CA LYS A 293 -17.02 10.01 6.15
C LYS A 293 -17.25 11.44 6.63
N LYS A 294 -17.27 11.64 7.94
CA LYS A 294 -17.57 12.95 8.50
C LYS A 294 -16.48 13.96 8.12
N GLN A 295 -15.25 13.50 8.06
CA GLN A 295 -14.17 14.37 7.66
C GLN A 295 -14.04 14.57 6.14
N GLY A 296 -14.79 13.80 5.35
CA GLY A 296 -14.68 13.92 3.91
C GLY A 296 -13.40 13.30 3.36
N VAL A 297 -12.95 12.22 4.00
CA VAL A 297 -11.82 11.44 3.54
C VAL A 297 -12.31 10.10 3.01
N SER A 298 -11.86 9.71 1.81
CA SER A 298 -12.36 8.48 1.21
C SER A 298 -12.07 7.25 2.07
N ILE A 299 -13.02 6.31 2.07
CA ILE A 299 -12.85 5.05 2.78
C ILE A 299 -13.93 4.13 2.20
N VAL A 300 -13.76 2.81 2.33
CA VAL A 300 -14.81 1.89 1.86
C VAL A 300 -15.05 0.89 3.00
N ASP A 301 -16.31 0.50 3.26
CA ASP A 301 -16.60 -0.58 4.19
C ASP A 301 -16.39 -1.93 3.48
N HIS A 302 -16.26 -3.02 4.24
CA HIS A 302 -15.92 -4.32 3.66
C HIS A 302 -17.05 -4.93 2.85
N HIS A 303 -18.29 -4.52 3.11
CA HIS A 303 -19.42 -5.07 2.34
C HIS A 303 -19.41 -4.47 0.94
N THR A 304 -19.26 -3.15 0.90
CA THR A 304 -19.21 -2.45 -0.40
C THR A 304 -17.97 -2.93 -1.18
N ALA A 305 -16.82 -3.05 -0.51
CA ALA A 305 -15.59 -3.52 -1.16
C ALA A 305 -15.74 -4.91 -1.76
N ALA A 306 -16.36 -5.82 -1.02
CA ALA A 306 -16.62 -7.15 -1.58
C ALA A 306 -17.57 -7.11 -2.76
N SER A 307 -18.56 -6.21 -2.74
CA SER A 307 -19.48 -6.09 -3.89
C SER A 307 -18.72 -5.59 -5.10
N GLN A 308 -17.83 -4.63 -4.89
CA GLN A 308 -16.97 -4.15 -5.98
C GLN A 308 -16.08 -5.29 -6.50
N PHE A 309 -15.53 -6.08 -5.59
CA PHE A 309 -14.67 -7.19 -5.99
C PHE A 309 -15.44 -8.23 -6.83
N LYS A 310 -16.70 -8.45 -6.47
CA LYS A 310 -17.55 -9.37 -7.25
C LYS A 310 -17.64 -8.83 -8.68
N ARG A 311 -17.77 -7.51 -8.81
CA ARG A 311 -17.84 -6.91 -10.15
C ARG A 311 -16.50 -7.14 -10.88
N PHE A 312 -15.39 -7.05 -10.16
CA PHE A 312 -14.07 -7.31 -10.76
C PHE A 312 -14.02 -8.74 -11.31
N GLU A 313 -14.55 -9.70 -10.53
CA GLU A 313 -14.59 -11.09 -10.98
C GLU A 313 -15.42 -11.21 -12.28
N GLU A 314 -16.57 -10.53 -12.30
CA GLU A 314 -17.48 -10.60 -13.45
C GLU A 314 -16.81 -9.96 -14.64
N GLN A 315 -16.12 -8.85 -14.38
CA GLN A 315 -15.38 -8.15 -15.43
C GLN A 315 -14.25 -9.03 -16.04
N ALA A 316 -13.51 -9.73 -15.18
CA ALA A 316 -12.43 -10.63 -15.64
C ALA A 316 -13.03 -11.68 -16.55
N GLU A 317 -14.08 -12.34 -16.06
CA GLU A 317 -14.72 -13.37 -16.87
C GLU A 317 -15.17 -12.84 -18.23
N GLU A 318 -15.77 -11.66 -18.27
CA GLU A 318 -16.32 -11.19 -19.52
C GLU A 318 -15.21 -10.74 -20.47
N ALA A 319 -14.07 -10.32 -19.91
CA ALA A 319 -12.90 -9.97 -20.70
C ALA A 319 -12.10 -11.19 -21.12
N GLY A 320 -12.54 -12.37 -20.66
CA GLY A 320 -11.81 -13.60 -20.91
C GLY A 320 -10.47 -13.74 -20.18
N ARG A 321 -10.25 -12.96 -19.13
CA ARG A 321 -9.03 -13.07 -18.34
C ARG A 321 -9.21 -14.00 -17.16
N LYS A 322 -8.21 -14.84 -16.95
CA LYS A 322 -8.14 -15.67 -15.77
C LYS A 322 -8.12 -14.76 -14.53
N LEU A 323 -8.88 -15.13 -13.49
CA LEU A 323 -8.85 -14.41 -12.23
C LEU A 323 -7.95 -15.13 -11.24
N THR A 324 -7.10 -14.40 -10.55
CA THR A 324 -6.31 -15.01 -9.49
C THR A 324 -6.55 -14.26 -8.18
N GLY A 325 -6.42 -14.97 -7.06
CA GLY A 325 -6.72 -14.35 -5.78
C GLY A 325 -6.24 -15.20 -4.63
N ASP A 326 -6.03 -14.55 -3.49
CA ASP A 326 -5.59 -15.21 -2.26
C ASP A 326 -6.73 -15.12 -1.27
N TRP A 327 -7.50 -16.20 -1.16
CA TRP A 327 -8.71 -16.23 -0.34
C TRP A 327 -8.45 -15.81 1.09
N THR A 328 -7.31 -16.23 1.63
CA THR A 328 -6.96 -15.92 3.04
C THR A 328 -6.75 -14.44 3.34
N TRP A 329 -6.41 -13.65 2.31
CA TRP A 329 -6.26 -12.20 2.46
C TRP A 329 -7.48 -11.40 1.97
N LEU A 330 -8.23 -11.96 1.03
CA LEU A 330 -9.39 -11.27 0.47
C LEU A 330 -10.58 -11.22 1.44
N ILE A 331 -10.78 -12.29 2.21
CA ILE A 331 -11.86 -12.25 3.22
C ILE A 331 -11.57 -11.13 4.23
N PRO A 332 -12.59 -10.33 4.56
CA PRO A 332 -12.34 -9.29 5.58
C PRO A 332 -12.25 -9.92 6.97
N PRO A 333 -11.59 -9.25 7.92
CA PRO A 333 -11.36 -9.82 9.25
C PRO A 333 -12.56 -9.65 10.17
N ILE A 334 -13.63 -9.00 9.70
CA ILE A 334 -14.88 -9.14 10.42
C ILE A 334 -16.02 -9.53 9.49
N SER A 335 -16.99 -10.27 10.05
CA SER A 335 -18.05 -10.91 9.27
C SER A 335 -17.68 -11.43 7.89
N PRO A 336 -16.60 -12.23 7.78
CA PRO A 336 -16.23 -12.64 6.42
C PRO A 336 -17.26 -13.54 5.70
N ALA A 337 -18.00 -14.34 6.45
CA ALA A 337 -19.04 -15.18 5.86
C ALA A 337 -20.25 -14.38 5.36
N ALA A 338 -20.31 -13.09 5.70
CA ALA A 338 -21.35 -12.21 5.13
C ALA A 338 -20.96 -11.69 3.75
N THR A 339 -19.77 -12.02 3.26
CA THR A 339 -19.38 -11.65 1.92
C THR A 339 -19.34 -12.86 1.02
N HIS A 340 -19.49 -12.63 -0.30
CA HIS A 340 -19.51 -13.75 -1.25
C HIS A 340 -18.14 -14.43 -1.32
N ILE A 341 -17.10 -13.67 -1.04
CA ILE A 341 -15.71 -14.11 -1.12
C ILE A 341 -15.52 -15.39 -0.30
N PHE A 342 -16.03 -15.38 0.93
CA PHE A 342 -15.86 -16.49 1.87
C PHE A 342 -16.37 -17.82 1.26
N HIS A 343 -17.36 -17.72 0.38
CA HIS A 343 -18.09 -18.88 -0.10
C HIS A 343 -17.61 -19.39 -1.47
N ARG A 344 -16.55 -18.80 -2.02
CA ARG A 344 -15.99 -19.37 -3.23
C ARG A 344 -14.49 -19.54 -3.08
N SER A 345 -13.85 -20.10 -4.08
CA SER A 345 -12.42 -20.31 -3.97
C SER A 345 -11.71 -19.54 -5.08
N TYR A 346 -10.40 -19.39 -4.96
CA TYR A 346 -9.61 -18.54 -5.85
C TYR A 346 -8.29 -19.22 -6.15
N ASP A 347 -7.86 -19.14 -7.41
CA ASP A 347 -6.56 -19.63 -7.85
C ASP A 347 -5.48 -18.63 -7.40
N ASN A 348 -4.55 -19.08 -6.55
CA ASN A 348 -3.54 -18.15 -6.00
C ASN A 348 -2.24 -18.12 -6.83
N SER A 349 -2.33 -18.38 -8.13
CA SER A 349 -1.17 -18.31 -9.01
C SER A 349 -0.60 -16.90 -9.13
N ILE A 350 0.71 -16.80 -9.26
CA ILE A 350 1.39 -15.50 -9.41
C ILE A 350 1.50 -15.15 -10.89
N VAL A 351 0.89 -14.04 -11.28
CA VAL A 351 0.98 -13.55 -12.65
C VAL A 351 1.70 -12.20 -12.62
N LYS A 352 2.59 -11.97 -13.59
CA LYS A 352 3.26 -10.69 -13.70
C LYS A 352 2.72 -9.89 -14.90
N PRO A 353 2.82 -8.55 -14.85
CA PRO A 353 3.38 -7.66 -13.82
C PRO A 353 2.72 -7.78 -12.45
N ASN A 354 3.46 -7.42 -11.40
CA ASN A 354 2.95 -7.57 -10.06
C ASN A 354 3.79 -6.78 -9.06
N TYR A 355 3.29 -6.66 -7.83
CA TYR A 355 4.03 -6.02 -6.72
C TYR A 355 4.52 -7.13 -5.79
N PHE A 356 5.78 -7.03 -5.37
CA PHE A 356 6.38 -8.11 -4.56
C PHE A 356 7.07 -7.55 -3.31
N TYR A 357 7.18 -8.38 -2.28
CA TYR A 357 7.97 -8.02 -1.11
C TYR A 357 9.44 -7.97 -1.49
N GLN A 358 10.22 -7.17 -0.77
CA GLN A 358 11.67 -7.20 -0.91
C GLN A 358 12.30 -7.08 0.47
N ASP A 359 13.56 -7.47 0.60
CA ASP A 359 14.23 -7.39 1.91
C ASP A 359 14.31 -5.95 2.42
N LYS A 360 14.09 -5.77 3.73
CA LYS A 360 14.25 -4.46 4.37
C LYS A 360 15.75 -4.12 4.40
N PRO A 361 16.09 -2.83 4.24
CA PRO A 361 17.51 -2.44 4.27
C PRO A 361 18.07 -2.22 5.67
N TYR A 362 17.20 -2.26 6.66
CA TYR A 362 17.60 -2.10 8.05
C TYR A 362 17.14 -3.38 8.74
N GLU A 363 17.54 -3.59 9.99
CA GLU A 363 17.23 -4.83 10.74
C GLU A 363 17.81 -6.12 10.12
#